data_6VDJ
#
_entry.id   6VDJ
#
_cell.length_a   84.695
_cell.length_b   84.695
_cell.length_c   196.007
_cell.angle_alpha   90.000
_cell.angle_beta   90.000
_cell.angle_gamma   120.000
#
_symmetry.space_group_name_H-M   'P 31 2 1'
#
loop_
_entity.id
_entity.type
_entity.pdbx_description
1 polymer 'lactate dehydrogenase'
2 non-polymer '1,4,5,6-TETRAHYDRONICOTINAMIDE ADENINE DINUCLEOTIDE'
3 non-polymer 'SULFATE ION'
4 water water
#
_entity_poly.entity_id   1
_entity_poly.type   'polypeptide(L)'
_entity_poly.pdbx_seq_one_letter_code
;MAVFEQNKRPKISLIGSGMIGGTMAYLCALKELGDVVLFDVVKNMPQGKALDLSHSTSVADTNVKVTGTNSYEDIKGSDV
VIITAGLTKVPGKSDKEWSRDDLLPINAKIMKEVGENIKKYCPNAFVICITNPLDVMVKVLQEASGLPHNKVCGMAGVLD
SSRFRYFIAEKLNVSPRDVQAMVIGAHGDNMVPLPRYVTVNGIPLQEFIKKGWITQEEIDEIVERTRNAGGEIVNLLGTG
SAYFAPAASAIAMAEAYLKDQKRVLPCSCYLEGQYGVKDLYVGVPVVIGGNGVEKVIELELTPEEKEMFDKSIEEVRELV
KALEALDAPA
;
_entity_poly.pdbx_strand_id   A,B
#
# COMPACT_ATOMS: atom_id res chain seq x y z
N LYS A 8 24.68 10.53 2.54
CA LYS A 8 23.99 9.37 2.00
C LYS A 8 22.57 9.28 2.58
N ARG A 9 21.61 8.93 1.74
CA ARG A 9 20.28 8.62 2.23
C ARG A 9 20.34 7.44 3.19
N PRO A 10 19.42 7.37 4.15
CA PRO A 10 19.23 6.12 4.89
C PRO A 10 18.94 5.00 3.91
N LYS A 11 19.39 3.79 4.26
CA LYS A 11 19.18 2.60 3.43
C LYS A 11 18.37 1.58 4.21
N ILE A 12 17.19 1.24 3.69
CA ILE A 12 16.27 0.31 4.32
C ILE A 12 16.20 -0.92 3.42
N SER A 13 16.57 -2.08 3.97
CA SER A 13 16.52 -3.34 3.25
C SER A 13 15.40 -4.20 3.84
N LEU A 14 14.55 -4.73 2.97
CA LEU A 14 13.41 -5.56 3.35
C LEU A 14 13.69 -6.98 2.87
N ILE A 15 14.13 -7.83 3.79
CA ILE A 15 14.44 -9.23 3.51
C ILE A 15 13.12 -9.98 3.44
N GLY A 16 12.63 -10.18 2.22
CA GLY A 16 11.29 -10.68 2.01
C GLY A 16 10.40 -9.64 1.36
N SER A 17 9.92 -9.93 0.16
CA SER A 17 9.20 -8.95 -0.65
C SER A 17 7.77 -9.40 -0.91
N GLY A 18 7.18 -10.10 0.05
CA GLY A 18 5.80 -10.53 -0.04
C GLY A 18 4.85 -9.38 0.18
N MET A 19 3.63 -9.68 0.62
CA MET A 19 2.63 -8.63 0.83
C MET A 19 3.12 -7.61 1.84
N ILE A 20 3.52 -8.07 3.03
CA ILE A 20 4.00 -7.14 4.05
C ILE A 20 5.22 -6.38 3.54
N GLY A 21 6.19 -7.09 2.98
CA GLY A 21 7.41 -6.43 2.53
C GLY A 21 7.16 -5.35 1.50
N GLY A 22 6.27 -5.62 0.53
CA GLY A 22 5.97 -4.62 -0.47
C GLY A 22 5.18 -3.46 0.10
N THR A 23 4.22 -3.74 0.98
CA THR A 23 3.48 -2.65 1.60
C THR A 23 4.40 -1.77 2.41
N MET A 24 5.38 -2.37 3.09
CA MET A 24 6.35 -1.58 3.84
C MET A 24 7.19 -0.72 2.91
N ALA A 25 7.60 -1.28 1.78
CA ALA A 25 8.38 -0.50 0.82
C ALA A 25 7.60 0.71 0.35
N TYR A 26 6.29 0.57 0.14
CA TYR A 26 5.47 1.69 -0.32
C TYR A 26 5.44 2.80 0.72
N LEU A 27 5.28 2.44 1.99
CA LEU A 27 5.28 3.44 3.05
C LEU A 27 6.64 4.14 3.15
N CYS A 28 7.74 3.41 3.00
CA CYS A 28 9.06 4.03 2.90
C CYS A 28 9.10 5.03 1.75
N ALA A 29 8.48 4.71 0.62
CA ALA A 29 8.53 5.59 -0.53
C ALA A 29 7.65 6.81 -0.32
N LEU A 30 6.45 6.62 0.24
CA LEU A 30 5.58 7.75 0.52
C LEU A 30 6.19 8.69 1.55
N LYS A 31 6.81 8.14 2.58
CA LYS A 31 7.36 8.93 3.68
C LYS A 31 8.79 9.38 3.43
N GLU A 32 9.34 9.11 2.25
CA GLU A 32 10.70 9.48 1.91
C GLU A 32 11.68 9.16 3.06
N LEU A 33 11.54 7.96 3.61
CA LEU A 33 12.36 7.55 4.74
C LEU A 33 13.77 7.18 4.31
N GLY A 34 13.96 6.81 3.05
CA GLY A 34 15.26 6.39 2.56
C GLY A 34 15.11 5.56 1.31
N ASP A 35 16.27 5.14 0.79
CA ASP A 35 16.28 4.20 -0.32
C ASP A 35 15.88 2.80 0.14
N VAL A 36 15.03 2.15 -0.65
CA VAL A 36 14.45 0.86 -0.29
C VAL A 36 15.08 -0.22 -1.15
N VAL A 37 15.52 -1.31 -0.51
CA VAL A 37 15.96 -2.51 -1.20
C VAL A 37 14.99 -3.63 -0.87
N LEU A 38 14.37 -4.20 -1.91
CA LEU A 38 13.44 -5.31 -1.75
C LEU A 38 14.16 -6.59 -2.12
N PHE A 39 14.50 -7.39 -1.13
CA PHE A 39 15.16 -8.67 -1.36
C PHE A 39 14.16 -9.80 -1.23
N ASP A 40 14.31 -10.80 -2.09
CA ASP A 40 13.50 -12.01 -2.04
C ASP A 40 14.24 -13.11 -2.76
N VAL A 41 13.98 -14.35 -2.34
CA VAL A 41 14.57 -15.50 -3.02
C VAL A 41 13.90 -15.72 -4.37
N VAL A 42 12.60 -15.44 -4.46
CA VAL A 42 11.90 -15.60 -5.72
C VAL A 42 12.51 -14.71 -6.78
N LYS A 43 12.81 -15.29 -7.94
CA LYS A 43 13.45 -14.53 -9.00
C LYS A 43 12.48 -13.54 -9.64
N ASN A 44 12.98 -12.33 -9.89
CA ASN A 44 12.31 -11.31 -10.70
C ASN A 44 11.18 -10.58 -10.00
N MET A 45 10.48 -11.27 -9.09
CA MET A 45 9.30 -10.68 -8.45
C MET A 45 9.63 -9.41 -7.69
N PRO A 46 10.67 -9.39 -6.83
CA PRO A 46 11.02 -8.12 -6.20
C PRO A 46 11.28 -7.02 -7.21
N GLN A 47 11.99 -7.32 -8.30
CA GLN A 47 12.26 -6.30 -9.30
C GLN A 47 10.98 -5.77 -9.90
N GLY A 48 9.98 -6.65 -10.04
CA GLY A 48 8.72 -6.21 -10.61
C GLY A 48 8.04 -5.21 -9.70
N LYS A 49 7.97 -5.51 -8.41
CA LYS A 49 7.35 -4.59 -7.48
C LYS A 49 8.14 -3.30 -7.38
N ALA A 50 9.48 -3.39 -7.44
CA ALA A 50 10.31 -2.20 -7.32
C ALA A 50 9.99 -1.21 -8.42
N LEU A 51 9.88 -1.69 -9.66
CA LEU A 51 9.54 -0.82 -10.77
C LEU A 51 8.16 -0.20 -10.58
N ASP A 52 7.17 -1.00 -10.17
CA ASP A 52 5.86 -0.44 -9.83
C ASP A 52 6.00 0.68 -8.80
N LEU A 53 6.67 0.38 -7.69
CA LEU A 53 6.87 1.38 -6.66
C LEU A 53 7.60 2.60 -7.20
N SER A 54 8.65 2.39 -8.01
CA SER A 54 9.38 3.51 -8.59
C SER A 54 8.43 4.44 -9.32
N HIS A 55 7.59 3.86 -10.20
CA HIS A 55 6.61 4.65 -10.92
C HIS A 55 5.79 5.50 -9.95
N SER A 56 5.40 4.91 -8.82
CA SER A 56 4.53 5.61 -7.88
C SER A 56 5.20 6.81 -7.24
N THR A 57 6.54 6.86 -7.27
CA THR A 57 7.22 8.04 -6.75
C THR A 57 6.92 9.27 -7.58
N SER A 58 6.78 9.12 -8.90
CA SER A 58 6.38 10.24 -9.74
C SER A 58 5.08 10.85 -9.26
N VAL A 59 4.10 10.01 -8.94
CA VAL A 59 2.79 10.47 -8.50
C VAL A 59 2.89 11.17 -7.15
N ALA A 60 3.77 10.70 -6.28
CA ALA A 60 3.99 11.34 -4.99
C ALA A 60 5.01 12.47 -5.06
N ASP A 61 5.65 12.66 -6.20
CA ASP A 61 6.65 13.72 -6.36
C ASP A 61 7.78 13.58 -5.33
N THR A 62 8.27 12.36 -5.16
CA THR A 62 9.43 12.08 -4.32
C THR A 62 10.57 11.60 -5.19
N ASN A 63 11.75 11.44 -4.58
CA ASN A 63 12.98 11.04 -5.26
C ASN A 63 13.48 9.69 -4.76
N VAL A 64 12.60 8.88 -4.15
CA VAL A 64 13.03 7.69 -3.45
C VAL A 64 13.48 6.64 -4.45
N LYS A 65 14.62 6.01 -4.18
CA LYS A 65 15.12 4.90 -5.00
C LYS A 65 14.66 3.58 -4.41
N VAL A 66 13.97 2.79 -5.23
CA VAL A 66 13.45 1.48 -4.83
C VAL A 66 13.99 0.46 -5.83
N THR A 67 14.79 -0.47 -5.32
CA THR A 67 15.38 -1.52 -6.13
C THR A 67 14.97 -2.89 -5.60
N GLY A 68 14.77 -3.83 -6.51
CA GLY A 68 14.51 -5.22 -6.16
C GLY A 68 15.71 -6.07 -6.52
N THR A 69 15.95 -7.12 -5.72
CA THR A 69 17.10 -7.96 -5.97
C THR A 69 16.86 -9.37 -5.45
N ASN A 70 17.69 -10.29 -5.95
CA ASN A 70 17.74 -11.67 -5.47
C ASN A 70 19.10 -12.03 -4.88
N SER A 71 19.98 -11.04 -4.69
CA SER A 71 21.33 -11.26 -4.17
CA SER A 71 21.33 -11.26 -4.17
C SER A 71 21.48 -10.53 -2.84
N TYR A 72 21.92 -11.25 -1.81
CA TYR A 72 22.09 -10.65 -0.49
C TYR A 72 23.09 -9.51 -0.49
N GLU A 73 23.99 -9.45 -1.48
CA GLU A 73 25.05 -8.47 -1.48
C GLU A 73 24.52 -7.04 -1.49
N ASP A 74 23.29 -6.85 -1.99
CA ASP A 74 22.75 -5.51 -2.16
C ASP A 74 22.26 -4.89 -0.88
N ILE A 75 22.41 -5.56 0.26
CA ILE A 75 22.02 -4.95 1.53
C ILE A 75 23.22 -4.33 2.24
N LYS A 76 24.38 -4.30 1.59
CA LYS A 76 25.55 -3.72 2.24
C LYS A 76 25.26 -2.31 2.71
N GLY A 77 25.64 -2.00 3.95
CA GLY A 77 25.52 -0.66 4.46
C GLY A 77 24.14 -0.27 4.92
N SER A 78 23.20 -1.21 4.96
CA SER A 78 21.84 -0.91 5.36
C SER A 78 21.80 -0.30 6.76
N ASP A 79 21.01 0.76 6.90
CA ASP A 79 20.77 1.34 8.22
C ASP A 79 19.66 0.60 8.95
N VAL A 80 18.69 0.05 8.22
CA VAL A 80 17.60 -0.71 8.81
C VAL A 80 17.34 -1.92 7.94
N VAL A 81 17.05 -3.05 8.57
CA VAL A 81 16.69 -4.29 7.87
C VAL A 81 15.40 -4.80 8.50
N ILE A 82 14.44 -5.19 7.65
CA ILE A 82 13.13 -5.64 8.11
C ILE A 82 12.83 -6.96 7.41
N ILE A 83 12.52 -7.99 8.19
CA ILE A 83 12.59 -9.37 7.75
C ILE A 83 11.20 -9.97 7.81
N THR A 84 10.70 -10.40 6.66
CA THR A 84 9.50 -11.19 6.58
C THR A 84 9.73 -12.57 5.97
N ALA A 85 10.99 -12.94 5.73
CA ALA A 85 11.27 -14.16 4.99
C ALA A 85 10.82 -15.37 5.79
N GLY A 86 9.90 -16.15 5.25
CA GLY A 86 9.46 -17.35 5.93
C GLY A 86 8.28 -17.93 5.17
N LEU A 87 7.48 -18.73 5.87
CA LEU A 87 6.38 -19.44 5.23
C LEU A 87 5.22 -19.46 6.21
N THR A 88 4.02 -19.66 5.67
CA THR A 88 2.84 -19.92 6.47
C THR A 88 1.98 -20.97 5.73
N ASP A 101 4.06 -28.66 9.37
CA ASP A 101 4.64 -28.95 10.69
C ASP A 101 6.16 -28.93 10.63
N ASP A 102 6.71 -28.60 9.47
CA ASP A 102 8.14 -28.37 9.30
C ASP A 102 8.48 -26.89 9.46
N LEU A 103 7.50 -26.04 9.74
CA LEU A 103 7.68 -24.60 9.60
C LEU A 103 8.67 -24.05 10.62
N LEU A 104 8.72 -24.64 11.81
CA LEU A 104 9.65 -24.14 12.84
C LEU A 104 11.12 -24.33 12.39
N PRO A 105 11.57 -25.56 12.13
CA PRO A 105 12.99 -25.70 11.74
C PRO A 105 13.33 -25.09 10.39
N ILE A 106 12.40 -25.07 9.42
CA ILE A 106 12.71 -24.46 8.12
C ILE A 106 12.87 -22.95 8.28
N ASN A 107 11.98 -22.34 9.05
CA ASN A 107 12.08 -20.91 9.29
C ASN A 107 13.36 -20.55 10.02
N ALA A 108 13.88 -21.47 10.83
CA ALA A 108 15.07 -21.22 11.63
C ALA A 108 16.33 -21.26 10.78
N LYS A 109 16.40 -22.23 9.85
CA LYS A 109 17.51 -22.27 8.92
C LYS A 109 17.53 -21.00 8.10
N ILE A 110 16.34 -20.53 7.67
CA ILE A 110 16.25 -19.25 6.98
C ILE A 110 16.76 -18.13 7.88
N MET A 111 16.15 -17.98 9.05
CA MET A 111 16.56 -16.95 10.00
C MET A 111 18.04 -17.04 10.32
N LYS A 112 18.58 -18.26 10.38
CA LYS A 112 20.03 -18.40 10.52
C LYS A 112 20.75 -17.80 9.31
N GLU A 113 20.29 -18.12 8.11
CA GLU A 113 20.95 -17.64 6.90
C GLU A 113 20.86 -16.13 6.78
N VAL A 114 19.67 -15.56 7.01
CA VAL A 114 19.51 -14.11 6.94
C VAL A 114 20.45 -13.44 7.93
N GLY A 115 20.47 -13.91 9.17
CA GLY A 115 21.31 -13.29 10.19
C GLY A 115 22.78 -13.36 9.85
N GLU A 116 23.20 -14.39 9.12
CA GLU A 116 24.60 -14.49 8.73
CA GLU A 116 24.59 -14.49 8.72
C GLU A 116 24.95 -13.41 7.72
N ASN A 117 24.14 -13.27 6.67
CA ASN A 117 24.44 -12.26 5.65
C ASN A 117 24.42 -10.87 6.25
N ILE A 118 23.60 -10.64 7.28
CA ILE A 118 23.55 -9.34 7.92
C ILE A 118 24.92 -9.02 8.53
N LYS A 119 25.48 -9.96 9.28
CA LYS A 119 26.76 -9.70 9.95
C LYS A 119 27.86 -9.47 8.93
N LYS A 120 27.84 -10.22 7.82
CA LYS A 120 28.82 -9.98 6.77
C LYS A 120 28.65 -8.60 6.14
N TYR A 121 27.42 -8.21 5.83
CA TYR A 121 27.18 -7.11 4.91
C TYR A 121 26.81 -5.80 5.58
N CYS A 122 25.97 -5.82 6.62
CA CYS A 122 25.51 -4.59 7.28
C CYS A 122 25.50 -4.78 8.79
N PRO A 123 26.68 -4.87 9.41
CA PRO A 123 26.73 -5.18 10.84
C PRO A 123 26.49 -3.99 11.75
N ASN A 124 25.96 -2.87 11.23
CA ASN A 124 25.54 -1.76 12.07
C ASN A 124 24.07 -1.44 11.89
N ALA A 125 23.30 -2.36 11.32
CA ALA A 125 21.90 -2.08 11.04
C ALA A 125 21.04 -2.25 12.27
N PHE A 126 19.93 -1.53 12.29
CA PHE A 126 18.82 -1.79 13.20
C PHE A 126 17.97 -2.85 12.52
N VAL A 127 17.76 -3.99 13.19
CA VAL A 127 17.10 -5.13 12.58
C VAL A 127 15.75 -5.36 13.25
N ILE A 128 14.70 -5.44 12.43
CA ILE A 128 13.34 -5.66 12.90
C ILE A 128 12.86 -6.96 12.26
N CYS A 129 12.79 -8.04 13.05
CA CYS A 129 12.28 -9.35 12.59
C CYS A 129 10.76 -9.31 12.64
N ILE A 130 10.10 -9.88 11.64
CA ILE A 130 8.64 -9.99 11.63
C ILE A 130 8.15 -11.43 11.56
N THR A 131 8.93 -12.35 11.02
CA THR A 131 8.43 -13.69 10.82
C THR A 131 8.17 -14.43 12.13
N ASN A 132 7.13 -15.29 12.12
CA ASN A 132 6.62 -16.02 13.27
C ASN A 132 7.15 -17.45 13.31
N PRO A 133 7.22 -18.06 14.51
CA PRO A 133 6.89 -17.51 15.84
C PRO A 133 7.80 -16.34 16.22
N LEU A 134 7.27 -15.11 16.30
CA LEU A 134 8.12 -13.93 16.22
C LEU A 134 9.19 -13.97 17.31
N ASP A 135 8.77 -14.03 18.58
CA ASP A 135 9.71 -13.90 19.69
C ASP A 135 10.79 -14.96 19.65
N VAL A 136 10.49 -16.15 19.11
CA VAL A 136 11.48 -17.20 19.00
C VAL A 136 12.48 -16.88 17.88
N MET A 137 11.98 -16.60 16.69
CA MET A 137 12.85 -16.31 15.55
C MET A 137 13.68 -15.05 15.76
N VAL A 138 13.21 -14.13 16.61
CA VAL A 138 14.01 -12.96 16.93
C VAL A 138 15.34 -13.38 17.56
N LYS A 139 15.31 -14.32 18.52
CA LYS A 139 16.55 -14.67 19.20
C LYS A 139 17.49 -15.46 18.30
N VAL A 140 16.94 -16.33 17.45
CA VAL A 140 17.78 -17.02 16.47
C VAL A 140 18.51 -16.00 15.60
N LEU A 141 17.78 -14.99 15.13
CA LEU A 141 18.39 -13.99 14.26
C LEU A 141 19.54 -13.30 14.96
N GLN A 142 19.33 -12.84 16.20
CA GLN A 142 20.39 -12.18 16.94
C GLN A 142 21.58 -13.09 17.13
N GLU A 143 21.34 -14.33 17.57
CA GLU A 143 22.45 -15.26 17.75
C GLU A 143 23.22 -15.45 16.46
N ALA A 144 22.51 -15.66 15.35
CA ALA A 144 23.16 -15.91 14.06
C ALA A 144 23.84 -14.67 13.51
N SER A 145 23.37 -13.47 13.86
CA SER A 145 23.96 -12.25 13.34
C SER A 145 25.05 -11.66 14.24
N GLY A 146 25.10 -12.06 15.50
CA GLY A 146 26.10 -11.52 16.40
C GLY A 146 26.00 -10.02 16.66
N LEU A 147 24.88 -9.39 16.31
CA LEU A 147 24.74 -7.95 16.50
C LEU A 147 24.44 -7.61 17.97
N PRO A 148 24.66 -6.37 18.37
CA PRO A 148 24.28 -5.96 19.72
C PRO A 148 22.81 -6.27 19.98
N HIS A 149 22.50 -6.68 21.21
CA HIS A 149 21.13 -7.10 21.52
C HIS A 149 20.14 -5.94 21.45
N ASN A 150 20.61 -4.69 21.57
CA ASN A 150 19.71 -3.55 21.46
C ASN A 150 19.48 -3.12 20.02
N LYS A 151 20.25 -3.65 19.07
CA LYS A 151 20.07 -3.33 17.66
C LYS A 151 19.24 -4.39 16.93
N VAL A 152 18.64 -5.32 17.67
CA VAL A 152 17.75 -6.34 17.11
C VAL A 152 16.50 -6.41 17.98
N CYS A 153 15.34 -6.49 17.33
CA CYS A 153 14.06 -6.54 18.05
C CYS A 153 13.01 -7.11 17.11
N GLY A 154 11.80 -7.32 17.62
CA GLY A 154 10.71 -7.88 16.84
C GLY A 154 9.43 -7.06 16.94
N MET A 155 8.75 -6.95 15.80
CA MET A 155 7.50 -6.21 15.73
C MET A 155 6.34 -7.13 16.03
N ALA A 156 5.65 -6.85 17.13
CA ALA A 156 4.41 -7.56 17.41
C ALA A 156 3.52 -6.72 18.32
N GLY A 157 4.11 -6.20 19.39
CA GLY A 157 3.32 -5.43 20.33
C GLY A 157 2.68 -4.20 19.71
N VAL A 158 3.35 -3.57 18.75
CA VAL A 158 2.76 -2.39 18.12
C VAL A 158 1.48 -2.78 17.38
N LEU A 159 1.50 -3.93 16.69
CA LEU A 159 0.32 -4.35 15.93
C LEU A 159 -0.80 -4.82 16.84
N ASP A 160 -0.46 -5.62 17.85
CA ASP A 160 -1.47 -6.11 18.80
C ASP A 160 -2.08 -4.96 19.57
N SER A 161 -1.27 -3.92 19.87
CA SER A 161 -1.79 -2.76 20.57
C SER A 161 -2.65 -1.91 19.64
N SER A 162 -2.34 -1.90 18.35
CA SER A 162 -3.13 -1.09 17.42
C SER A 162 -4.51 -1.69 17.22
N ARG A 163 -4.63 -3.00 17.32
CA ARG A 163 -5.95 -3.65 17.28
C ARG A 163 -6.70 -3.40 18.59
N PHE A 164 -6.07 -3.69 19.72
CA PHE A 164 -6.62 -3.32 21.03
C PHE A 164 -7.06 -1.87 21.05
N ARG A 165 -6.15 -0.97 20.66
CA ARG A 165 -6.49 0.45 20.63
C ARG A 165 -7.69 0.68 19.72
N TYR A 166 -7.67 0.09 18.54
CA TYR A 166 -8.74 0.34 17.59
C TYR A 166 -10.09 -0.11 18.13
N PHE A 167 -10.18 -1.37 18.57
CA PHE A 167 -11.44 -1.89 19.08
C PHE A 167 -11.99 -1.01 20.19
N ILE A 168 -11.13 -0.56 21.10
CA ILE A 168 -11.59 0.34 22.17
C ILE A 168 -12.06 1.67 21.57
N ALA A 169 -11.37 2.17 20.56
CA ALA A 169 -11.69 3.50 20.03
C ALA A 169 -13.07 3.53 19.39
N GLU A 170 -13.39 2.51 18.60
CA GLU A 170 -14.67 2.52 17.88
C GLU A 170 -15.86 2.39 18.82
N LYS A 171 -15.70 1.70 19.95
CA LYS A 171 -16.81 1.57 20.89
C LYS A 171 -17.06 2.88 21.63
N LEU A 172 -16.00 3.63 21.93
CA LEU A 172 -16.16 4.91 22.61
C LEU A 172 -16.46 6.05 21.65
N ASN A 173 -16.18 5.87 20.37
CA ASN A 173 -16.34 6.92 19.37
C ASN A 173 -15.43 8.10 19.69
N VAL A 174 -14.16 7.80 19.95
CA VAL A 174 -13.09 8.79 20.04
C VAL A 174 -12.02 8.36 19.06
N SER A 175 -11.07 9.26 18.78
CA SER A 175 -10.03 8.93 17.82
C SER A 175 -9.07 7.91 18.41
N PRO A 176 -8.57 6.95 17.60
CA PRO A 176 -7.58 6.02 18.15
C PRO A 176 -6.36 6.72 18.71
N ARG A 177 -6.07 7.92 18.21
CA ARG A 177 -4.93 8.68 18.71
C ARG A 177 -5.00 8.86 20.22
N ASP A 178 -6.21 9.09 20.75
CA ASP A 178 -6.39 9.35 22.17
C ASP A 178 -6.77 8.12 22.96
N VAL A 179 -6.55 6.92 22.41
CA VAL A 179 -6.64 5.67 23.16
C VAL A 179 -5.21 5.13 23.28
N GLN A 180 -4.72 5.05 24.52
CA GLN A 180 -3.50 4.31 24.82
C GLN A 180 -3.90 2.91 25.29
N ALA A 181 -3.27 1.89 24.72
CA ALA A 181 -3.54 0.52 25.10
C ALA A 181 -2.31 -0.28 24.73
N MET A 182 -1.98 -1.27 25.52
CA MET A 182 -0.78 -2.04 25.28
C MET A 182 -1.05 -3.52 25.37
N VAL A 183 -0.18 -4.29 24.72
CA VAL A 183 -0.22 -5.74 24.71
C VAL A 183 1.21 -6.21 24.89
N ILE A 184 1.44 -7.10 25.86
CA ILE A 184 2.78 -7.60 26.18
C ILE A 184 2.73 -9.13 26.20
N GLY A 185 3.92 -9.73 26.34
CA GLY A 185 4.08 -11.16 26.26
C GLY A 185 4.55 -11.61 24.89
N ALA A 186 4.19 -12.83 24.52
CA ALA A 186 4.53 -13.40 23.24
C ALA A 186 3.45 -13.08 22.20
N HIS A 187 3.86 -13.04 20.93
CA HIS A 187 2.94 -12.80 19.83
C HIS A 187 2.25 -14.11 19.47
N GLY A 188 0.94 -14.15 19.71
CA GLY A 188 0.16 -15.34 19.42
C GLY A 188 -1.12 -15.33 20.23
N ASP A 189 -1.77 -16.49 20.26
CA ASP A 189 -3.03 -16.59 20.96
C ASP A 189 -2.90 -16.33 22.45
N ASN A 190 -1.71 -16.52 23.02
CA ASN A 190 -1.51 -16.30 24.44
C ASN A 190 -0.97 -14.91 24.77
N MET A 191 -0.95 -13.99 23.80
CA MET A 191 -0.50 -12.63 24.05
C MET A 191 -1.35 -12.05 25.18
N VAL A 192 -0.85 -11.02 25.84
CA VAL A 192 -1.50 -10.51 27.04
C VAL A 192 -1.83 -9.04 26.89
N PRO A 193 -3.05 -8.68 26.42
CA PRO A 193 -3.57 -7.31 26.52
C PRO A 193 -3.68 -6.91 27.99
N LEU A 194 -3.59 -5.62 28.24
CA LEU A 194 -3.51 -5.09 29.60
C LEU A 194 -4.63 -4.08 29.77
N PRO A 195 -5.87 -4.55 30.00
CA PRO A 195 -7.01 -3.62 30.13
C PRO A 195 -6.85 -2.62 31.27
N ARG A 196 -6.06 -3.00 32.29
CA ARG A 196 -5.85 -2.12 33.42
C ARG A 196 -5.11 -0.84 33.04
N TYR A 197 -4.23 -0.89 32.04
CA TYR A 197 -3.46 0.28 31.64
C TYR A 197 -4.09 1.09 30.50
N VAL A 198 -5.24 0.67 29.99
CA VAL A 198 -5.89 1.44 28.92
C VAL A 198 -6.29 2.81 29.45
N THR A 199 -6.10 3.85 28.63
CA THR A 199 -6.48 5.20 29.02
C THR A 199 -7.04 5.95 27.81
N VAL A 200 -7.84 6.98 28.07
CA VAL A 200 -8.34 7.92 27.06
C VAL A 200 -7.69 9.26 27.35
N ASN A 201 -6.67 9.62 26.58
CA ASN A 201 -5.86 10.80 26.85
C ASN A 201 -5.40 10.82 28.30
N GLY A 202 -5.08 9.64 28.82
CA GLY A 202 -4.61 9.50 30.18
C GLY A 202 -5.70 9.27 31.21
N ILE A 203 -6.97 9.32 30.82
CA ILE A 203 -8.05 9.05 31.76
C ILE A 203 -8.25 7.54 31.84
N PRO A 204 -8.25 6.94 33.03
CA PRO A 204 -8.41 5.48 33.12
C PRO A 204 -9.70 5.03 32.43
N LEU A 205 -9.61 3.92 31.70
CA LEU A 205 -10.77 3.40 31.00
C LEU A 205 -11.93 3.12 31.96
N GLN A 206 -11.61 2.77 33.21
CA GLN A 206 -12.67 2.43 34.16
C GLN A 206 -13.61 3.59 34.40
N GLU A 207 -13.10 4.83 34.33
CA GLU A 207 -13.97 5.99 34.52
C GLU A 207 -15.10 6.01 33.50
N PHE A 208 -14.87 5.43 32.32
CA PHE A 208 -15.86 5.44 31.26
C PHE A 208 -16.85 4.31 31.41
N ILE A 209 -16.51 3.25 32.15
CA ILE A 209 -17.51 2.30 32.61
C ILE A 209 -18.53 3.03 33.48
N LYS A 210 -18.04 3.74 34.49
CA LYS A 210 -18.91 4.31 35.50
C LYS A 210 -19.83 5.38 34.93
N LYS A 211 -19.43 6.02 33.83
CA LYS A 211 -20.23 7.06 33.20
C LYS A 211 -20.95 6.57 31.94
N GLY A 212 -20.83 5.28 31.61
CA GLY A 212 -21.75 4.66 30.68
C GLY A 212 -21.32 4.58 29.24
N TRP A 213 -20.04 4.82 28.95
CA TRP A 213 -19.52 4.73 27.58
C TRP A 213 -19.26 3.28 27.16
N ILE A 214 -18.80 2.44 28.08
CA ILE A 214 -18.51 1.04 27.77
C ILE A 214 -18.76 0.23 29.03
N THR A 215 -19.05 -1.06 28.84
CA THR A 215 -19.32 -1.92 29.98
C THR A 215 -18.14 -2.84 30.27
N GLN A 216 -18.11 -3.39 31.49
CA GLN A 216 -17.02 -4.28 31.87
C GLN A 216 -17.01 -5.53 30.99
N GLU A 217 -18.18 -5.94 30.50
CA GLU A 217 -18.23 -7.13 29.65
C GLU A 217 -17.65 -6.85 28.28
N GLU A 218 -17.95 -5.68 27.71
CA GLU A 218 -17.44 -5.35 26.39
C GLU A 218 -15.92 -5.24 26.40
N ILE A 219 -15.34 -4.79 27.52
CA ILE A 219 -13.89 -4.77 27.62
C ILE A 219 -13.34 -6.19 27.54
N ASP A 220 -13.88 -7.09 28.36
CA ASP A 220 -13.43 -8.48 28.33
C ASP A 220 -13.55 -9.04 26.93
N GLU A 221 -14.69 -8.81 26.30
CA GLU A 221 -14.89 -9.28 24.93
C GLU A 221 -13.83 -8.70 24.00
N ILE A 222 -13.58 -7.40 24.10
CA ILE A 222 -12.56 -6.76 23.28
C ILE A 222 -11.19 -7.37 23.53
N VAL A 223 -10.88 -7.69 24.80
CA VAL A 223 -9.56 -8.20 25.12
C VAL A 223 -9.29 -9.54 24.43
N GLU A 224 -10.32 -10.40 24.32
CA GLU A 224 -10.18 -11.67 23.60
C GLU A 224 -10.27 -11.49 22.10
N ARG A 225 -11.00 -10.47 21.63
CA ARG A 225 -10.96 -10.20 20.20
C ARG A 225 -9.57 -9.75 19.78
N THR A 226 -8.87 -9.03 20.65
CA THR A 226 -7.49 -8.66 20.35
C THR A 226 -6.61 -9.90 20.25
N ARG A 227 -6.76 -10.83 21.19
CA ARG A 227 -5.97 -12.04 21.18
C ARG A 227 -6.10 -12.77 19.85
N ASN A 228 -7.31 -12.74 19.29
CA ASN A 228 -7.65 -13.56 18.12
C ASN A 228 -7.74 -12.77 16.83
N ALA A 229 -7.43 -11.46 16.87
CA ALA A 229 -7.60 -10.64 15.68
C ALA A 229 -6.85 -11.22 14.49
N GLY A 230 -5.62 -11.69 14.71
CA GLY A 230 -4.87 -12.27 13.60
C GLY A 230 -5.65 -13.33 12.87
N GLY A 231 -6.16 -14.32 13.60
CA GLY A 231 -6.97 -15.35 12.99
C GLY A 231 -8.29 -14.82 12.46
N GLU A 232 -8.89 -13.86 13.16
CA GLU A 232 -10.12 -13.26 12.66
C GLU A 232 -9.91 -12.72 11.25
N ILE A 233 -8.84 -11.96 11.05
CA ILE A 233 -8.54 -11.44 9.72
C ILE A 233 -8.29 -12.59 8.76
N VAL A 234 -7.53 -13.58 9.20
CA VAL A 234 -7.19 -14.70 8.33
C VAL A 234 -8.45 -15.39 7.82
N ASN A 235 -9.45 -15.57 8.69
CA ASN A 235 -10.66 -16.28 8.29
C ASN A 235 -11.46 -15.48 7.26
N LEU A 236 -11.44 -14.17 7.33
CA LEU A 236 -12.25 -13.35 6.42
C LEU A 236 -11.58 -13.19 5.07
N LEU A 237 -10.25 -12.99 5.04
CA LEU A 237 -9.55 -12.88 3.76
C LEU A 237 -9.73 -14.14 2.92
N GLY A 238 -9.48 -15.30 3.52
CA GLY A 238 -9.60 -16.57 2.84
C GLY A 238 -8.28 -17.08 2.28
N THR A 239 -7.42 -16.17 1.82
CA THR A 239 -6.09 -16.50 1.34
C THR A 239 -5.14 -15.45 1.88
N GLY A 240 -4.07 -15.88 2.53
CA GLY A 240 -3.13 -14.96 3.13
C GLY A 240 -3.61 -14.43 4.46
N SER A 241 -2.81 -13.51 5.03
CA SER A 241 -3.10 -12.91 6.32
C SER A 241 -2.91 -11.39 6.26
N ALA A 242 -3.17 -10.73 7.39
CA ALA A 242 -3.14 -9.27 7.42
C ALA A 242 -1.76 -8.75 7.05
N TYR A 243 -1.71 -7.50 6.60
CA TYR A 243 -0.44 -6.92 6.20
C TYR A 243 -0.42 -5.40 6.18
N PHE A 244 -1.58 -4.75 6.16
CA PHE A 244 -1.60 -3.29 6.18
C PHE A 244 -1.12 -2.78 7.53
N ALA A 245 -1.75 -3.22 8.61
CA ALA A 245 -1.35 -2.85 9.96
C ALA A 245 0.01 -3.46 10.30
N PRO A 246 0.22 -4.74 9.99
CA PRO A 246 1.58 -5.29 10.15
C PRO A 246 2.68 -4.42 9.54
N ALA A 247 2.51 -3.98 8.29
CA ALA A 247 3.51 -3.13 7.64
C ALA A 247 3.66 -1.80 8.35
N ALA A 248 2.53 -1.17 8.68
CA ALA A 248 2.59 0.15 9.31
C ALA A 248 3.28 0.08 10.67
N SER A 249 3.08 -1.02 11.41
CA SER A 249 3.69 -1.16 12.72
C SER A 249 5.20 -1.26 12.61
N ALA A 250 5.68 -2.00 11.62
CA ALA A 250 7.13 -2.14 11.44
C ALA A 250 7.76 -0.82 11.05
N ILE A 251 7.10 -0.07 10.17
CA ILE A 251 7.63 1.20 9.70
C ILE A 251 7.65 2.21 10.84
N ALA A 252 6.61 2.23 11.67
CA ALA A 252 6.60 3.13 12.82
C ALA A 252 7.79 2.87 13.71
N MET A 253 8.14 1.59 13.89
CA MET A 253 9.34 1.26 14.65
C MET A 253 10.61 1.72 13.93
N ALA A 254 10.69 1.50 12.62
CA ALA A 254 11.86 1.98 11.88
C ALA A 254 11.91 3.51 11.86
N GLU A 255 10.77 4.18 11.69
CA GLU A 255 10.77 5.64 11.74
C GLU A 255 11.29 6.13 13.08
N ALA A 256 10.92 5.44 14.16
CA ALA A 256 11.38 5.81 15.49
C ALA A 256 12.90 5.72 15.62
N TYR A 257 13.52 4.79 14.89
CA TYR A 257 14.97 4.65 14.93
C TYR A 257 15.63 5.69 14.03
N LEU A 258 15.15 5.81 12.79
CA LEU A 258 15.78 6.71 11.83
C LEU A 258 15.72 8.17 12.28
N LYS A 259 14.58 8.62 12.81
CA LYS A 259 14.42 10.01 13.22
C LYS A 259 14.61 10.21 14.71
N ASP A 260 15.07 9.18 15.42
CA ASP A 260 15.38 9.28 16.85
C ASP A 260 14.21 9.90 17.60
N GLN A 261 13.03 9.28 17.44
CA GLN A 261 11.81 9.84 18.01
C GLN A 261 11.58 9.44 19.46
N LYS A 262 12.33 8.47 19.98
CA LYS A 262 12.18 8.03 21.36
C LYS A 262 10.71 7.70 21.66
N ARG A 263 10.13 6.88 20.80
CA ARG A 263 8.75 6.45 20.98
C ARG A 263 8.66 5.34 22.04
N VAL A 264 7.55 5.33 22.76
CA VAL A 264 7.25 4.26 23.69
C VAL A 264 6.43 3.21 22.95
N LEU A 265 6.99 2.02 22.75
CA LEU A 265 6.27 1.02 22.00
C LEU A 265 6.47 -0.41 22.46
N PRO A 266 5.40 -1.22 22.53
CA PRO A 266 5.57 -2.64 22.84
C PRO A 266 6.24 -3.39 21.70
N CYS A 267 7.47 -3.84 21.92
CA CYS A 267 8.22 -4.59 20.92
C CYS A 267 8.89 -5.77 21.61
N SER A 268 9.20 -6.79 20.81
CA SER A 268 9.91 -7.97 21.31
C SER A 268 11.38 -7.63 21.47
N CYS A 269 11.86 -7.58 22.72
CA CYS A 269 13.20 -7.08 23.00
C CYS A 269 13.93 -7.96 24.02
N TYR A 270 15.25 -7.85 23.97
CA TYR A 270 16.13 -8.65 24.80
C TYR A 270 16.07 -8.20 26.24
N LEU A 271 15.65 -9.09 27.13
CA LEU A 271 15.58 -8.82 28.56
C LEU A 271 16.75 -9.47 29.30
N GLU A 272 17.31 -8.75 30.26
CA GLU A 272 18.41 -9.25 31.08
C GLU A 272 18.04 -9.20 32.55
N GLY A 273 16.88 -9.74 32.90
CA GLY A 273 16.40 -9.77 34.26
C GLY A 273 15.10 -9.04 34.48
N GLN A 274 14.81 -8.03 33.68
CA GLN A 274 13.50 -7.40 33.75
C GLN A 274 12.38 -8.43 33.61
N TYR A 275 11.37 -8.28 34.46
CA TYR A 275 10.17 -9.11 34.42
C TYR A 275 10.48 -10.56 34.81
N GLY A 276 11.74 -10.86 35.13
CA GLY A 276 12.11 -12.22 35.44
C GLY A 276 12.54 -13.04 34.26
N VAL A 277 13.05 -12.42 33.21
CA VAL A 277 13.45 -13.10 31.98
C VAL A 277 14.92 -12.80 31.74
N LYS A 278 15.69 -13.83 31.40
CA LYS A 278 17.09 -13.66 31.06
C LYS A 278 17.37 -14.30 29.72
N ASP A 279 18.24 -13.64 28.95
CA ASP A 279 18.64 -14.10 27.63
C ASP A 279 17.43 -14.55 26.80
N LEU A 280 16.44 -13.67 26.69
CA LEU A 280 15.25 -13.97 25.93
C LEU A 280 14.64 -12.70 25.35
N TYR A 281 14.03 -12.86 24.18
CA TYR A 281 13.32 -11.79 23.49
C TYR A 281 11.83 -11.95 23.74
N VAL A 282 11.20 -10.92 24.29
CA VAL A 282 9.81 -10.98 24.68
C VAL A 282 9.18 -9.60 24.55
N GLY A 283 7.89 -9.58 24.25
CA GLY A 283 7.18 -8.34 24.02
C GLY A 283 7.00 -7.55 25.31
N VAL A 284 7.57 -6.36 25.37
CA VAL A 284 7.37 -5.46 26.50
C VAL A 284 7.42 -4.02 25.98
N PRO A 285 6.99 -3.05 26.76
CA PRO A 285 7.17 -1.65 26.34
C PRO A 285 8.63 -1.26 26.36
N VAL A 286 9.05 -0.50 25.34
CA VAL A 286 10.41 0.00 25.23
C VAL A 286 10.40 1.42 24.68
N VAL A 287 11.53 2.11 24.86
CA VAL A 287 11.81 3.37 24.19
C VAL A 287 12.71 3.08 22.99
N ILE A 288 12.21 3.37 21.79
CA ILE A 288 12.99 3.17 20.57
C ILE A 288 13.52 4.53 20.12
N GLY A 289 14.84 4.61 19.93
CA GLY A 289 15.47 5.83 19.49
C GLY A 289 16.64 5.58 18.55
N GLY A 290 17.52 6.57 18.43
CA GLY A 290 18.61 6.52 17.46
C GLY A 290 19.63 5.44 17.73
N ASN A 291 19.66 4.88 18.94
CA ASN A 291 20.58 3.80 19.28
C ASN A 291 19.84 2.48 19.49
N GLY A 292 18.72 2.29 18.78
CA GLY A 292 17.98 1.06 18.90
C GLY A 292 16.99 1.04 20.05
N VAL A 293 16.92 -0.10 20.72
CA VAL A 293 16.08 -0.29 21.89
C VAL A 293 16.83 0.35 23.06
N GLU A 294 16.51 1.61 23.36
CA GLU A 294 17.31 2.39 24.30
C GLU A 294 16.92 2.16 25.75
N LYS A 295 15.67 1.84 26.04
CA LYS A 295 15.28 1.56 27.41
C LYS A 295 14.14 0.57 27.45
N VAL A 296 14.18 -0.31 28.45
CA VAL A 296 13.08 -1.22 28.74
C VAL A 296 12.28 -0.62 29.88
N ILE A 297 10.97 -0.51 29.70
CA ILE A 297 10.09 -0.05 30.75
C ILE A 297 9.61 -1.26 31.54
N GLU A 298 9.76 -1.21 32.85
CA GLU A 298 9.34 -2.32 33.72
C GLU A 298 8.05 -1.89 34.42
N LEU A 299 6.92 -2.38 33.92
CA LEU A 299 5.62 -2.00 34.48
C LEU A 299 5.46 -2.59 35.88
N GLU A 300 4.61 -1.96 36.68
CA GLU A 300 4.25 -2.46 38.00
C GLU A 300 3.04 -3.40 37.86
N LEU A 301 3.32 -4.59 37.33
CA LEU A 301 2.28 -5.56 37.03
C LEU A 301 1.78 -6.19 38.33
N THR A 302 0.48 -6.50 38.36
CA THR A 302 -0.10 -7.19 39.49
C THR A 302 0.27 -8.66 39.46
N PRO A 303 0.04 -9.40 40.54
CA PRO A 303 0.30 -10.85 40.50
C PRO A 303 -0.42 -11.55 39.35
N GLU A 304 -1.72 -11.28 39.16
CA GLU A 304 -2.44 -11.93 38.07
C GLU A 304 -1.80 -11.59 36.73
N GLU A 305 -1.49 -10.31 36.51
CA GLU A 305 -0.92 -9.87 35.24
C GLU A 305 0.44 -10.50 35.02
N LYS A 306 1.28 -10.52 36.04
CA LYS A 306 2.58 -11.17 35.95
C LYS A 306 2.41 -12.66 35.63
N GLU A 307 1.37 -13.29 36.19
CA GLU A 307 1.11 -14.70 35.93
C GLU A 307 0.81 -14.93 34.46
N MET A 308 -0.09 -14.11 33.88
CA MET A 308 -0.38 -14.24 32.45
C MET A 308 0.88 -14.08 31.61
N PHE A 309 1.72 -13.09 31.97
CA PHE A 309 2.98 -12.88 31.25
C PHE A 309 3.84 -14.13 31.28
N ASP A 310 3.96 -14.77 32.45
CA ASP A 310 4.83 -15.95 32.56
C ASP A 310 4.30 -17.11 31.73
N LYS A 311 2.99 -17.36 31.79
CA LYS A 311 2.41 -18.42 30.97
C LYS A 311 2.51 -18.08 29.49
N SER A 312 2.53 -16.79 29.14
CA SER A 312 2.58 -16.40 27.74
C SER A 312 3.93 -16.74 27.14
N ILE A 313 5.01 -16.51 27.89
CA ILE A 313 6.35 -16.73 27.35
C ILE A 313 6.88 -18.15 27.55
N GLU A 314 6.17 -18.97 28.34
CA GLU A 314 6.59 -20.35 28.55
C GLU A 314 6.92 -21.03 27.22
N GLU A 315 6.00 -20.93 26.26
CA GLU A 315 6.21 -21.53 24.95
C GLU A 315 7.47 -20.99 24.29
N VAL A 316 7.76 -19.70 24.49
CA VAL A 316 8.94 -19.11 23.87
C VAL A 316 10.23 -19.67 24.48
N ARG A 317 10.27 -19.78 25.81
CA ARG A 317 11.49 -20.27 26.46
C ARG A 317 11.76 -21.71 26.09
N GLU A 318 10.71 -22.52 25.91
CA GLU A 318 10.90 -23.92 25.51
C GLU A 318 11.41 -24.02 24.08
N LEU A 319 10.80 -23.29 23.15
CA LEU A 319 11.21 -23.42 21.76
C LEU A 319 12.64 -22.94 21.57
N VAL A 320 13.02 -21.87 22.27
CA VAL A 320 14.37 -21.33 22.15
C VAL A 320 15.39 -22.34 22.64
N LYS A 321 15.05 -23.06 23.72
CA LYS A 321 15.95 -24.11 24.19
C LYS A 321 16.02 -25.25 23.19
N ALA A 322 14.87 -25.66 22.65
CA ALA A 322 14.84 -26.81 21.76
C ALA A 322 15.63 -26.55 20.48
N LEU A 323 15.60 -25.31 19.98
CA LEU A 323 16.30 -25.00 18.74
C LEU A 323 17.81 -24.88 18.94
N GLU A 324 18.25 -24.43 20.11
CA GLU A 324 19.68 -24.41 20.40
C GLU A 324 20.27 -25.81 20.39
N ALA A 325 19.48 -26.80 20.84
CA ALA A 325 19.95 -28.18 20.84
C ALA A 325 20.21 -28.67 19.43
N LEU A 326 19.42 -28.22 18.46
CA LEU A 326 19.52 -28.69 17.08
C LEU A 326 20.57 -27.94 16.26
N ASP A 327 21.73 -27.67 16.84
CA ASP A 327 22.83 -27.02 16.13
C ASP A 327 24.09 -27.86 16.29
N LYS B 8 -20.75 16.13 7.39
CA LYS B 8 -20.23 14.77 7.37
C LYS B 8 -18.97 14.64 6.51
N ARG B 9 -18.18 13.62 6.81
CA ARG B 9 -16.97 13.34 6.05
C ARG B 9 -17.29 13.09 4.57
N PRO B 10 -16.27 13.22 3.71
CA PRO B 10 -16.41 12.72 2.33
C PRO B 10 -16.45 11.20 2.33
N LYS B 11 -17.22 10.64 1.41
CA LYS B 11 -17.42 9.20 1.32
C LYS B 11 -16.83 8.70 0.01
N ILE B 12 -15.86 7.79 0.10
CA ILE B 12 -15.18 7.22 -1.05
C ILE B 12 -15.49 5.72 -1.09
N SER B 13 -16.06 5.26 -2.20
CA SER B 13 -16.40 3.85 -2.38
C SER B 13 -15.51 3.27 -3.47
N LEU B 14 -14.87 2.13 -3.18
CA LEU B 14 -14.00 1.44 -4.11
C LEU B 14 -14.71 0.20 -4.62
N ILE B 15 -15.15 0.22 -5.87
CA ILE B 15 -15.88 -0.91 -6.44
C ILE B 15 -14.87 -1.92 -6.96
N GLY B 16 -14.63 -2.95 -6.18
CA GLY B 16 -13.52 -3.85 -6.46
C GLY B 16 -12.42 -3.71 -5.43
N SER B 17 -12.14 -4.81 -4.70
CA SER B 17 -11.31 -4.80 -3.51
C SER B 17 -10.09 -5.69 -3.64
N GLY B 18 -9.57 -5.77 -4.88
CA GLY B 18 -8.35 -6.48 -5.19
C GLY B 18 -7.14 -5.76 -4.66
N MET B 19 -5.99 -5.96 -5.32
CA MET B 19 -4.75 -5.30 -4.88
C MET B 19 -4.86 -3.79 -5.05
N ILE B 20 -5.31 -3.34 -6.22
CA ILE B 20 -5.41 -1.91 -6.46
C ILE B 20 -6.43 -1.29 -5.52
N GLY B 21 -7.57 -1.97 -5.32
CA GLY B 21 -8.61 -1.40 -4.48
C GLY B 21 -8.17 -1.25 -3.04
N GLY B 22 -7.45 -2.25 -2.54
CA GLY B 22 -7.01 -2.19 -1.16
C GLY B 22 -5.97 -1.11 -0.94
N THR B 23 -5.01 -1.01 -1.86
CA THR B 23 -3.97 -0.01 -1.71
C THR B 23 -4.58 1.40 -1.76
N MET B 24 -5.48 1.63 -2.74
CA MET B 24 -6.18 2.92 -2.84
C MET B 24 -6.85 3.26 -1.52
N ALA B 25 -7.42 2.27 -0.90
CA ALA B 25 -8.05 2.53 0.39
C ALA B 25 -7.01 2.76 1.47
N TYR B 26 -5.83 2.17 1.32
CA TYR B 26 -4.75 2.44 2.26
C TYR B 26 -4.31 3.89 2.16
N LEU B 27 -4.19 4.39 0.93
CA LEU B 27 -3.82 5.79 0.72
C LEU B 27 -4.89 6.71 1.28
N CYS B 28 -6.16 6.38 1.05
CA CYS B 28 -7.24 7.21 1.57
C CYS B 28 -7.19 7.27 3.08
N ALA B 29 -6.81 6.17 3.73
CA ALA B 29 -6.72 6.17 5.18
C ALA B 29 -5.49 6.93 5.65
N LEU B 30 -4.35 6.71 5.00
CA LEU B 30 -3.14 7.43 5.37
C LEU B 30 -3.31 8.93 5.20
N LYS B 31 -3.97 9.36 4.14
CA LYS B 31 -4.14 10.78 3.87
C LYS B 31 -5.42 11.36 4.47
N GLU B 32 -6.19 10.58 5.22
CA GLU B 32 -7.40 11.07 5.88
C GLU B 32 -8.30 11.79 4.88
N LEU B 33 -8.39 11.23 3.67
CA LEU B 33 -9.18 11.85 2.62
C LEU B 33 -10.69 11.68 2.84
N GLY B 34 -11.10 10.68 3.61
CA GLY B 34 -12.50 10.52 3.95
C GLY B 34 -12.82 9.09 4.38
N ASP B 35 -14.12 8.86 4.57
CA ASP B 35 -14.59 7.52 4.91
C ASP B 35 -14.53 6.64 3.67
N VAL B 36 -14.09 5.40 3.86
CA VAL B 36 -13.88 4.47 2.76
C VAL B 36 -14.89 3.33 2.84
N VAL B 37 -15.29 2.84 1.67
CA VAL B 37 -16.15 1.67 1.56
C VAL B 37 -15.51 0.75 0.53
N LEU B 38 -15.08 -0.43 0.96
CA LEU B 38 -14.53 -1.44 0.07
C LEU B 38 -15.63 -2.43 -0.31
N PHE B 39 -15.91 -2.54 -1.60
CA PHE B 39 -16.96 -3.39 -2.12
C PHE B 39 -16.34 -4.45 -3.01
N ASP B 40 -16.89 -5.66 -2.95
CA ASP B 40 -16.47 -6.72 -3.85
C ASP B 40 -17.52 -7.82 -3.84
N VAL B 41 -17.48 -8.66 -4.88
CA VAL B 41 -18.40 -9.78 -4.93
C VAL B 41 -17.97 -10.91 -3.99
N VAL B 42 -16.66 -11.05 -3.74
CA VAL B 42 -16.18 -12.11 -2.85
C VAL B 42 -16.66 -11.84 -1.43
N LYS B 43 -17.21 -12.89 -0.81
CA LYS B 43 -17.78 -12.77 0.52
C LYS B 43 -16.68 -12.71 1.56
N ASN B 44 -16.84 -11.76 2.49
CA ASN B 44 -15.99 -11.62 3.66
C ASN B 44 -14.65 -10.98 3.34
N MET B 45 -14.22 -11.01 2.07
CA MET B 45 -12.89 -10.50 1.74
C MET B 45 -12.80 -9.00 1.96
N PRO B 46 -13.63 -8.17 1.32
CA PRO B 46 -13.56 -6.74 1.62
C PRO B 46 -13.69 -6.45 3.10
N GLN B 47 -14.40 -7.29 3.84
CA GLN B 47 -14.54 -7.07 5.28
C GLN B 47 -13.24 -7.40 6.00
N GLY B 48 -12.41 -8.28 5.43
CA GLY B 48 -11.16 -8.60 6.08
C GLY B 48 -10.15 -7.49 5.95
N LYS B 49 -10.00 -6.97 4.73
CA LYS B 49 -9.09 -5.85 4.48
C LYS B 49 -9.50 -4.64 5.31
N ALA B 50 -10.81 -4.35 5.36
CA ALA B 50 -11.31 -3.19 6.09
C ALA B 50 -10.87 -3.24 7.54
N LEU B 51 -10.83 -4.43 8.14
CA LEU B 51 -10.43 -4.55 9.53
C LEU B 51 -8.92 -4.44 9.68
N ASP B 52 -8.17 -5.03 8.74
CA ASP B 52 -6.74 -4.78 8.67
C ASP B 52 -6.47 -3.28 8.57
N LEU B 53 -7.11 -2.62 7.59
CA LEU B 53 -6.93 -1.18 7.40
C LEU B 53 -7.40 -0.39 8.61
N SER B 54 -8.54 -0.78 9.19
CA SER B 54 -8.99 -0.16 10.42
C SER B 54 -7.90 -0.21 11.48
N HIS B 55 -7.24 -1.36 11.63
CA HIS B 55 -6.15 -1.47 12.59
C HIS B 55 -5.01 -0.52 12.25
N SER B 56 -4.73 -0.32 10.96
CA SER B 56 -3.61 0.53 10.59
C SER B 56 -3.86 1.99 10.98
N THR B 57 -5.12 2.45 10.90
CA THR B 57 -5.43 3.81 11.33
C THR B 57 -4.94 4.07 12.75
N SER B 58 -4.92 3.02 13.59
CA SER B 58 -4.38 3.15 14.93
C SER B 58 -2.90 3.51 14.90
N VAL B 59 -2.14 2.88 14.00
CA VAL B 59 -0.71 3.18 13.89
C VAL B 59 -0.49 4.57 13.32
N ALA B 60 -1.37 5.01 12.42
CA ALA B 60 -1.23 6.33 11.80
C ALA B 60 -1.85 7.44 12.63
N ASP B 61 -2.50 7.12 13.74
CA ASP B 61 -3.16 8.11 14.59
C ASP B 61 -4.17 8.93 13.77
N THR B 62 -5.00 8.22 13.02
CA THR B 62 -6.08 8.84 12.27
C THR B 62 -7.42 8.29 12.76
N ASN B 63 -8.50 8.88 12.23
CA ASN B 63 -9.85 8.54 12.63
C ASN B 63 -10.63 7.84 11.53
N VAL B 64 -9.96 7.46 10.44
CA VAL B 64 -10.67 7.10 9.23
C VAL B 64 -11.52 5.86 9.45
N LYS B 65 -12.75 5.92 8.96
CA LYS B 65 -13.68 4.79 8.95
C LYS B 65 -13.54 4.05 7.63
N VAL B 66 -13.16 2.77 7.71
CA VAL B 66 -13.01 1.90 6.55
C VAL B 66 -13.99 0.73 6.73
N THR B 67 -14.79 0.47 5.70
CA THR B 67 -15.87 -0.50 5.76
C THR B 67 -15.78 -1.47 4.59
N GLY B 68 -16.03 -2.74 4.85
CA GLY B 68 -16.11 -3.75 3.82
C GLY B 68 -17.56 -4.17 3.61
N THR B 69 -17.90 -4.54 2.38
CA THR B 69 -19.28 -4.85 2.07
C THR B 69 -19.35 -5.62 0.76
N ASN B 70 -20.38 -6.47 0.67
CA ASN B 70 -20.72 -7.15 -0.56
C ASN B 70 -22.01 -6.62 -1.18
N SER B 71 -22.53 -5.48 -0.70
CA SER B 71 -23.79 -4.90 -1.15
C SER B 71 -23.56 -3.48 -1.65
N TYR B 72 -24.14 -3.16 -2.81
CA TYR B 72 -24.04 -1.81 -3.35
C TYR B 72 -24.74 -0.79 -2.48
N GLU B 73 -25.70 -1.21 -1.65
CA GLU B 73 -26.47 -0.25 -0.88
C GLU B 73 -25.57 0.63 -0.02
N ASP B 74 -24.40 0.11 0.36
CA ASP B 74 -23.50 0.81 1.25
C ASP B 74 -22.66 1.86 0.55
N ILE B 75 -22.87 2.08 -0.75
CA ILE B 75 -22.20 3.17 -1.44
C ILE B 75 -23.13 4.38 -1.47
N LYS B 76 -24.26 4.28 -0.78
CA LYS B 76 -25.20 5.39 -0.76
C LYS B 76 -24.50 6.69 -0.40
N GLY B 77 -24.71 7.72 -1.22
CA GLY B 77 -24.21 9.04 -0.92
C GLY B 77 -22.73 9.24 -1.12
N SER B 78 -22.04 8.33 -1.80
CA SER B 78 -20.60 8.45 -2.00
C SER B 78 -20.27 9.75 -2.71
N ASP B 79 -19.25 10.44 -2.21
CA ASP B 79 -18.76 11.62 -2.92
C ASP B 79 -17.89 11.24 -4.11
N VAL B 80 -17.16 10.14 -4.02
CA VAL B 80 -16.31 9.66 -5.09
C VAL B 80 -16.44 8.14 -5.17
N VAL B 81 -16.35 7.62 -6.40
CA VAL B 81 -16.44 6.20 -6.66
C VAL B 81 -15.32 5.82 -7.63
N ILE B 82 -14.52 4.82 -7.27
CA ILE B 82 -13.37 4.38 -8.05
C ILE B 82 -13.54 2.89 -8.32
N ILE B 83 -13.41 2.49 -9.58
CA ILE B 83 -13.86 1.17 -10.01
C ILE B 83 -12.68 0.41 -10.62
N THR B 84 -12.30 -0.68 -9.95
CA THR B 84 -11.31 -1.61 -10.47
C THR B 84 -11.90 -2.93 -10.92
N ALA B 85 -13.19 -3.17 -10.67
CA ALA B 85 -13.74 -4.51 -10.84
C ALA B 85 -13.61 -5.00 -12.28
N GLY B 86 -13.56 -6.32 -12.42
CA GLY B 86 -13.58 -6.96 -13.72
C GLY B 86 -12.31 -7.74 -14.02
N LEU B 87 -12.29 -8.30 -15.22
CA LEU B 87 -11.14 -9.04 -15.72
C LEU B 87 -9.99 -8.10 -16.04
N THR B 88 -8.77 -8.62 -15.89
CA THR B 88 -7.56 -7.85 -16.13
C THR B 88 -6.93 -8.32 -17.44
N LYS B 89 -5.74 -7.79 -17.73
CA LYS B 89 -5.01 -8.16 -18.93
C LYS B 89 -3.99 -9.26 -18.69
N VAL B 90 -3.91 -9.77 -17.46
CA VAL B 90 -2.86 -10.71 -17.06
C VAL B 90 -2.79 -11.90 -18.01
N PRO B 91 -3.92 -12.46 -18.45
CA PRO B 91 -3.89 -13.48 -19.51
C PRO B 91 -3.68 -12.82 -20.87
N GLY B 92 -2.55 -13.11 -21.51
CA GLY B 92 -2.26 -12.56 -22.83
C GLY B 92 -0.80 -12.65 -23.18
N ASP B 95 -2.65 -15.93 -24.30
CA ASP B 95 -3.98 -16.03 -24.91
C ASP B 95 -4.29 -14.74 -25.66
N LYS B 96 -4.26 -14.80 -26.98
CA LYS B 96 -4.50 -13.62 -27.79
C LYS B 96 -5.97 -13.33 -28.02
N GLU B 97 -6.87 -14.26 -27.69
CA GLU B 97 -8.31 -14.06 -27.86
C GLU B 97 -8.98 -13.57 -26.59
N TRP B 98 -8.20 -13.29 -25.55
CA TRP B 98 -8.75 -12.92 -24.26
C TRP B 98 -9.33 -11.50 -24.30
N SER B 99 -8.59 -10.56 -24.90
CA SER B 99 -9.06 -9.18 -24.99
C SER B 99 -10.39 -9.11 -25.74
N ARG B 100 -10.54 -9.88 -26.81
CA ARG B 100 -11.71 -9.74 -27.67
C ARG B 100 -12.89 -10.56 -27.17
N ASP B 101 -12.65 -11.82 -26.80
CA ASP B 101 -13.72 -12.72 -26.41
C ASP B 101 -14.11 -12.64 -24.95
N ASP B 102 -13.31 -11.98 -24.10
CA ASP B 102 -13.57 -12.01 -22.67
C ASP B 102 -13.50 -10.63 -22.05
N LEU B 103 -12.31 -10.01 -22.12
CA LEU B 103 -12.07 -8.70 -21.51
C LEU B 103 -13.13 -7.69 -21.93
N LEU B 104 -13.22 -7.40 -23.22
CA LEU B 104 -14.16 -6.39 -23.69
C LEU B 104 -15.61 -6.76 -23.42
N PRO B 105 -16.09 -7.96 -23.80
CA PRO B 105 -17.53 -8.22 -23.64
C PRO B 105 -17.96 -8.43 -22.20
N ILE B 106 -17.14 -9.09 -21.38
CA ILE B 106 -17.56 -9.36 -20.00
C ILE B 106 -17.47 -8.10 -19.15
N ASN B 107 -16.39 -7.33 -19.30
CA ASN B 107 -16.23 -6.12 -18.49
C ASN B 107 -17.30 -5.08 -18.81
N ALA B 108 -17.68 -4.97 -20.09
CA ALA B 108 -18.75 -4.03 -20.46
C ALA B 108 -20.03 -4.33 -19.68
N LYS B 109 -20.33 -5.60 -19.47
CA LYS B 109 -21.53 -5.99 -18.74
C LYS B 109 -21.42 -5.67 -17.26
N ILE B 110 -20.21 -5.76 -16.69
CA ILE B 110 -20.05 -5.35 -15.31
C ILE B 110 -20.15 -3.83 -15.19
N MET B 111 -19.61 -3.10 -16.17
CA MET B 111 -19.70 -1.66 -16.14
C MET B 111 -21.16 -1.20 -16.19
N LYS B 112 -22.00 -1.91 -16.95
CA LYS B 112 -23.41 -1.55 -17.01
C LYS B 112 -24.10 -1.77 -15.68
N GLU B 113 -23.71 -2.82 -14.96
CA GLU B 113 -24.29 -3.08 -13.65
C GLU B 113 -23.76 -2.10 -12.61
N VAL B 114 -22.49 -1.71 -12.70
CA VAL B 114 -21.95 -0.72 -11.78
C VAL B 114 -22.59 0.63 -12.04
N GLY B 115 -22.69 1.00 -13.31
CA GLY B 115 -23.29 2.28 -13.65
C GLY B 115 -24.71 2.41 -13.15
N GLU B 116 -25.47 1.32 -13.20
CA GLU B 116 -26.85 1.36 -12.75
CA GLU B 116 -26.86 1.35 -12.75
C GLU B 116 -26.93 1.50 -11.24
N ASN B 117 -25.98 0.89 -10.53
CA ASN B 117 -26.00 1.01 -9.07
C ASN B 117 -25.59 2.41 -8.65
N ILE B 118 -24.59 2.99 -9.32
CA ILE B 118 -24.24 4.38 -9.07
C ILE B 118 -25.44 5.29 -9.31
N LYS B 119 -26.17 5.04 -10.41
CA LYS B 119 -27.29 5.91 -10.74
C LYS B 119 -28.33 5.94 -9.62
N LYS B 120 -28.55 4.81 -8.94
CA LYS B 120 -29.62 4.75 -7.96
C LYS B 120 -29.19 5.12 -6.55
N TYR B 121 -27.89 5.01 -6.25
CA TYR B 121 -27.40 5.14 -4.90
C TYR B 121 -26.49 6.33 -4.66
N CYS B 122 -25.75 6.79 -5.67
CA CYS B 122 -24.92 7.97 -5.48
C CYS B 122 -24.77 8.74 -6.78
N PRO B 123 -25.85 9.29 -7.34
CA PRO B 123 -25.75 9.95 -8.66
C PRO B 123 -24.96 11.26 -8.65
N ASN B 124 -24.56 11.77 -7.49
CA ASN B 124 -23.77 13.01 -7.42
C ASN B 124 -22.29 12.75 -7.33
N ALA B 125 -21.86 11.50 -7.29
CA ALA B 125 -20.44 11.21 -7.10
C ALA B 125 -19.63 11.60 -8.33
N PHE B 126 -18.35 11.87 -8.08
CA PHE B 126 -17.31 11.90 -9.09
C PHE B 126 -16.83 10.47 -9.29
N VAL B 127 -16.79 10.01 -10.54
CA VAL B 127 -16.62 8.59 -10.85
C VAL B 127 -15.35 8.43 -11.65
N ILE B 128 -14.44 7.62 -11.12
CA ILE B 128 -13.15 7.35 -11.75
C ILE B 128 -13.12 5.86 -12.09
N CYS B 129 -12.98 5.55 -13.37
CA CYS B 129 -12.92 4.18 -13.83
C CYS B 129 -11.47 3.77 -14.07
N ILE B 130 -11.15 2.53 -13.71
CA ILE B 130 -9.84 1.95 -13.98
C ILE B 130 -9.92 0.69 -14.83
N THR B 131 -11.05 -0.02 -14.84
CA THR B 131 -11.19 -1.23 -15.62
C THR B 131 -10.86 -0.99 -17.09
N ASN B 132 -10.28 -2.02 -17.72
CA ASN B 132 -9.83 -2.01 -19.11
C ASN B 132 -10.80 -2.77 -19.99
N PRO B 133 -10.82 -2.49 -21.31
CA PRO B 133 -10.15 -1.36 -22.01
C PRO B 133 -10.67 -0.03 -21.46
N LEU B 134 -9.77 0.83 -20.96
CA LEU B 134 -10.18 1.92 -20.07
C LEU B 134 -11.10 2.89 -20.78
N ASP B 135 -10.65 3.45 -21.91
CA ASP B 135 -11.45 4.43 -22.62
C ASP B 135 -12.81 3.88 -23.00
N VAL B 136 -12.87 2.60 -23.38
CA VAL B 136 -14.15 2.02 -23.75
C VAL B 136 -15.03 1.89 -22.51
N MET B 137 -14.47 1.43 -21.39
CA MET B 137 -15.29 1.08 -20.24
C MET B 137 -15.85 2.32 -19.56
N VAL B 138 -15.09 3.42 -19.55
CA VAL B 138 -15.60 4.65 -18.97
C VAL B 138 -16.81 5.16 -19.75
N LYS B 139 -16.76 5.03 -21.08
CA LYS B 139 -17.90 5.40 -21.90
C LYS B 139 -19.12 4.59 -21.51
N VAL B 140 -18.97 3.26 -21.47
CA VAL B 140 -20.09 2.39 -21.11
C VAL B 140 -20.63 2.76 -19.73
N LEU B 141 -19.74 2.96 -18.75
CA LEU B 141 -20.18 3.32 -17.41
C LEU B 141 -20.94 4.64 -17.41
N GLN B 142 -20.49 5.60 -18.22
CA GLN B 142 -21.19 6.88 -18.32
C GLN B 142 -22.59 6.68 -18.88
N GLU B 143 -22.69 5.96 -20.00
CA GLU B 143 -24.00 5.68 -20.59
C GLU B 143 -24.96 5.07 -19.58
N ALA B 144 -24.53 4.03 -18.87
CA ALA B 144 -25.44 3.29 -18.01
C ALA B 144 -25.83 4.08 -16.77
N SER B 145 -24.94 4.96 -16.28
CA SER B 145 -25.22 5.68 -15.04
C SER B 145 -25.99 6.97 -15.25
N GLY B 146 -25.92 7.57 -16.44
CA GLY B 146 -26.68 8.77 -16.71
C GLY B 146 -26.17 10.04 -16.07
N LEU B 147 -24.96 10.01 -15.50
CA LEU B 147 -24.42 11.16 -14.80
C LEU B 147 -23.77 12.13 -15.79
N PRO B 148 -23.55 13.38 -15.38
CA PRO B 148 -22.96 14.34 -16.31
C PRO B 148 -21.61 13.86 -16.80
N HIS B 149 -21.35 14.04 -18.09
CA HIS B 149 -20.08 13.64 -18.68
C HIS B 149 -18.89 14.29 -17.99
N ASN B 150 -19.11 15.39 -17.27
CA ASN B 150 -18.00 16.06 -16.59
C ASN B 150 -17.59 15.30 -15.34
N LYS B 151 -18.49 14.50 -14.77
CA LYS B 151 -18.22 13.84 -13.50
C LYS B 151 -17.93 12.35 -13.66
N VAL B 152 -17.56 11.91 -14.87
CA VAL B 152 -17.16 10.54 -15.11
C VAL B 152 -15.97 10.55 -16.07
N CYS B 153 -14.84 10.03 -15.62
CA CYS B 153 -13.63 9.97 -16.42
C CYS B 153 -12.88 8.69 -16.06
N GLY B 154 -11.82 8.43 -16.78
CA GLY B 154 -11.03 7.22 -16.59
C GLY B 154 -9.59 7.56 -16.16
N MET B 155 -9.05 6.74 -15.28
CA MET B 155 -7.64 6.87 -14.93
C MET B 155 -6.78 6.04 -15.88
N ALA B 156 -5.89 6.69 -16.60
CA ALA B 156 -4.91 6.03 -17.45
C ALA B 156 -3.70 6.93 -17.64
N GLY B 157 -3.90 8.14 -18.19
CA GLY B 157 -2.76 9.01 -18.44
C GLY B 157 -1.89 9.33 -17.23
N VAL B 158 -2.48 9.51 -16.04
CA VAL B 158 -1.64 9.82 -14.87
C VAL B 158 -0.64 8.69 -14.61
N LEU B 159 -1.07 7.44 -14.81
CA LEU B 159 -0.19 6.29 -14.63
C LEU B 159 0.85 6.22 -15.75
N ASP B 160 0.39 6.34 -17.00
CA ASP B 160 1.32 6.29 -18.12
C ASP B 160 2.33 7.44 -18.03
N SER B 161 1.87 8.59 -17.55
CA SER B 161 2.77 9.74 -17.38
C SER B 161 3.71 9.53 -16.20
N SER B 162 3.24 8.87 -15.14
CA SER B 162 4.12 8.59 -14.01
C SER B 162 5.28 7.70 -14.42
N ARG B 163 5.03 6.73 -15.30
CA ARG B 163 6.10 5.91 -15.85
C ARG B 163 7.02 6.74 -16.72
N PHE B 164 6.45 7.46 -17.68
CA PHE B 164 7.23 8.32 -18.57
C PHE B 164 8.13 9.25 -17.76
N ARG B 165 7.53 10.00 -16.86
CA ARG B 165 8.30 10.91 -16.03
C ARG B 165 9.38 10.20 -15.24
N TYR B 166 9.09 9.00 -14.74
CA TYR B 166 10.08 8.31 -13.92
C TYR B 166 11.29 7.92 -14.77
N PHE B 167 11.04 7.28 -15.92
CA PHE B 167 12.13 6.87 -16.79
C PHE B 167 13.01 8.05 -17.17
N ILE B 168 12.40 9.19 -17.48
CA ILE B 168 13.19 10.39 -17.79
C ILE B 168 13.99 10.81 -16.55
N ALA B 169 13.31 10.93 -15.40
CA ALA B 169 13.98 11.39 -14.19
C ALA B 169 15.17 10.49 -13.86
N GLU B 170 15.06 9.19 -14.13
CA GLU B 170 16.11 8.25 -13.77
C GLU B 170 17.39 8.53 -14.54
N LYS B 171 17.27 8.63 -15.87
CA LYS B 171 18.45 8.88 -16.70
C LYS B 171 19.08 10.23 -16.38
N LEU B 172 18.28 11.28 -16.25
CA LEU B 172 18.82 12.61 -15.97
C LEU B 172 19.31 12.74 -14.53
N ASN B 173 18.79 11.92 -13.61
CA ASN B 173 19.17 11.98 -12.20
C ASN B 173 18.71 13.30 -11.57
N VAL B 174 17.46 13.66 -11.82
CA VAL B 174 16.79 14.75 -11.12
C VAL B 174 15.48 14.21 -10.59
N SER B 175 14.94 14.87 -9.57
CA SER B 175 13.72 14.38 -8.93
C SER B 175 12.61 14.28 -9.97
N PRO B 176 11.74 13.28 -9.89
CA PRO B 176 10.63 13.21 -10.87
C PRO B 176 9.65 14.36 -10.74
N ARG B 177 9.56 14.99 -9.57
CA ARG B 177 8.74 16.18 -9.42
C ARG B 177 9.04 17.19 -10.51
N ASP B 178 10.32 17.35 -10.86
CA ASP B 178 10.76 18.40 -11.77
C ASP B 178 10.81 17.96 -13.23
N VAL B 179 10.40 16.72 -13.53
CA VAL B 179 10.18 16.27 -14.89
C VAL B 179 8.70 16.39 -15.18
N GLN B 180 8.34 17.29 -16.10
CA GLN B 180 7.00 17.31 -16.69
C GLN B 180 6.98 16.42 -17.92
N ALA B 181 6.08 15.45 -17.92
CA ALA B 181 5.90 14.54 -19.03
C ALA B 181 4.43 14.20 -19.14
N MET B 182 3.96 13.95 -20.35
CA MET B 182 2.56 13.62 -20.56
C MET B 182 2.43 12.49 -21.58
N VAL B 183 1.32 11.76 -21.45
CA VAL B 183 0.96 10.67 -22.35
C VAL B 183 -0.52 10.82 -22.64
N ILE B 184 -0.88 10.90 -23.92
CA ILE B 184 -2.28 11.07 -24.27
C ILE B 184 -2.70 9.95 -25.21
N GLY B 185 -3.96 9.94 -25.58
CA GLY B 185 -4.51 8.90 -26.42
C GLY B 185 -5.22 7.85 -25.60
N ALA B 186 -5.49 6.71 -26.24
CA ALA B 186 -6.10 5.60 -25.52
C ALA B 186 -5.07 4.95 -24.60
N HIS B 187 -5.55 4.45 -23.46
CA HIS B 187 -4.69 3.63 -22.62
C HIS B 187 -4.48 2.29 -23.31
N GLY B 188 -3.23 1.83 -23.35
CA GLY B 188 -2.88 0.61 -24.04
C GLY B 188 -1.76 0.82 -25.02
N ASP B 189 -1.62 -0.12 -25.96
CA ASP B 189 -0.47 -0.12 -26.85
C ASP B 189 -0.48 1.07 -27.80
N ASN B 190 -1.65 1.68 -28.03
CA ASN B 190 -1.75 2.84 -28.91
C ASN B 190 -1.73 4.15 -28.14
N MET B 191 -1.24 4.14 -26.91
CA MET B 191 -1.00 5.37 -26.17
C MET B 191 0.06 6.19 -26.90
N VAL B 192 0.07 7.49 -26.61
CA VAL B 192 0.94 8.44 -27.28
C VAL B 192 1.73 9.21 -26.23
N PRO B 193 2.94 8.76 -25.88
CA PRO B 193 3.86 9.63 -25.15
C PRO B 193 4.19 10.88 -25.96
N LEU B 194 4.39 12.01 -25.27
CA LEU B 194 4.62 13.27 -25.97
C LEU B 194 6.05 13.75 -25.72
N PRO B 195 7.03 13.15 -26.37
CA PRO B 195 8.43 13.55 -26.10
C PRO B 195 8.70 15.04 -26.31
N ARG B 196 8.01 15.66 -27.26
CA ARG B 196 8.23 17.08 -27.53
C ARG B 196 7.87 17.95 -26.33
N TYR B 197 6.88 17.53 -25.52
CA TYR B 197 6.38 18.37 -24.44
C TYR B 197 7.10 18.15 -23.12
N VAL B 198 8.04 17.23 -23.06
CA VAL B 198 8.74 16.91 -21.82
C VAL B 198 9.65 18.08 -21.46
N THR B 199 9.55 18.57 -20.23
CA THR B 199 10.41 19.64 -19.76
C THR B 199 10.99 19.30 -18.39
N VAL B 200 12.11 19.95 -18.05
CA VAL B 200 12.69 19.90 -16.71
C VAL B 200 12.46 21.26 -16.07
N ASN B 201 11.39 21.38 -15.28
CA ASN B 201 10.98 22.65 -14.69
C ASN B 201 10.86 23.73 -15.76
N GLY B 202 10.09 23.41 -16.80
CA GLY B 202 9.85 24.31 -17.90
C GLY B 202 10.88 24.29 -19.02
N ILE B 203 12.09 23.82 -18.72
CA ILE B 203 13.14 23.74 -19.75
C ILE B 203 12.79 22.63 -20.73
N PRO B 204 12.78 22.87 -22.03
CA PRO B 204 12.60 21.77 -22.98
C PRO B 204 13.69 20.72 -22.82
N LEU B 205 13.31 19.45 -22.98
CA LEU B 205 14.27 18.36 -22.82
C LEU B 205 15.38 18.43 -23.85
N GLN B 206 15.13 19.05 -25.00
CA GLN B 206 16.14 19.09 -26.05
C GLN B 206 17.42 19.77 -25.57
N GLU B 207 17.29 20.74 -24.66
CA GLU B 207 18.46 21.43 -24.11
C GLU B 207 19.41 20.46 -23.42
N PHE B 208 18.86 19.47 -22.73
CA PHE B 208 19.70 18.46 -22.08
C PHE B 208 20.25 17.45 -23.08
N ILE B 209 19.56 17.21 -24.19
CA ILE B 209 20.15 16.46 -25.30
C ILE B 209 21.43 17.14 -25.79
N LYS B 210 21.35 18.45 -26.02
CA LYS B 210 22.51 19.19 -26.52
C LYS B 210 23.64 19.22 -25.50
N LYS B 211 23.32 19.30 -24.20
CA LYS B 211 24.30 19.33 -23.14
C LYS B 211 24.66 17.94 -22.62
N GLY B 212 24.12 16.88 -23.22
CA GLY B 212 24.64 15.55 -23.00
C GLY B 212 24.19 14.86 -21.73
N TRP B 213 23.08 15.30 -21.13
CA TRP B 213 22.48 14.55 -20.02
C TRP B 213 21.73 13.33 -20.51
N ILE B 214 21.26 13.36 -21.76
CA ILE B 214 20.45 12.28 -22.32
C ILE B 214 20.61 12.38 -23.84
N THR B 215 20.28 11.31 -24.55
CA THR B 215 20.38 11.30 -26.01
C THR B 215 19.01 11.01 -26.63
N GLN B 216 18.93 11.20 -27.95
CA GLN B 216 17.65 11.09 -28.64
C GLN B 216 17.17 9.64 -28.71
N GLU B 217 18.10 8.70 -28.91
CA GLU B 217 17.70 7.30 -28.96
C GLU B 217 17.18 6.84 -27.60
N GLU B 218 17.94 7.14 -26.54
CA GLU B 218 17.47 6.80 -25.20
C GLU B 218 16.07 7.32 -24.97
N ILE B 219 15.79 8.52 -25.49
CA ILE B 219 14.44 9.09 -25.37
C ILE B 219 13.44 8.20 -26.09
N ASP B 220 13.76 7.80 -27.31
CA ASP B 220 12.86 6.95 -28.07
C ASP B 220 12.66 5.60 -27.38
N GLU B 221 13.72 5.08 -26.76
CA GLU B 221 13.56 3.87 -25.97
C GLU B 221 12.58 4.10 -24.84
N ILE B 222 12.69 5.25 -24.16
CA ILE B 222 11.84 5.54 -23.01
C ILE B 222 10.39 5.66 -23.47
N VAL B 223 10.17 6.14 -24.68
CA VAL B 223 8.82 6.18 -25.23
C VAL B 223 8.26 4.76 -25.33
N GLU B 224 9.05 3.84 -25.91
CA GLU B 224 8.60 2.46 -26.07
C GLU B 224 8.49 1.76 -24.72
N ARG B 225 9.46 1.97 -23.83
CA ARG B 225 9.36 1.35 -22.52
C ARG B 225 8.13 1.83 -21.79
N THR B 226 7.77 3.10 -21.98
CA THR B 226 6.54 3.63 -21.38
C THR B 226 5.33 2.89 -21.92
N ARG B 227 5.29 2.67 -23.24
CA ARG B 227 4.13 2.00 -23.82
C ARG B 227 3.98 0.57 -23.32
N ASN B 228 5.10 -0.10 -22.99
CA ASN B 228 5.08 -1.50 -22.58
C ASN B 228 5.30 -1.67 -21.09
N ALA B 229 5.39 -0.57 -20.33
CA ALA B 229 5.72 -0.67 -18.91
C ALA B 229 4.82 -1.67 -18.18
N GLY B 230 3.53 -1.67 -18.49
CA GLY B 230 2.63 -2.57 -17.81
C GLY B 230 2.98 -4.03 -18.03
N GLY B 231 3.38 -4.39 -19.25
CA GLY B 231 3.74 -5.77 -19.53
C GLY B 231 5.10 -6.15 -18.96
N GLU B 232 6.03 -5.19 -18.97
CA GLU B 232 7.33 -5.42 -18.33
C GLU B 232 7.15 -5.88 -16.89
N ILE B 233 6.22 -5.25 -16.16
CA ILE B 233 6.06 -5.57 -14.75
C ILE B 233 5.35 -6.91 -14.59
N VAL B 234 4.30 -7.14 -15.37
CA VAL B 234 3.58 -8.42 -15.31
C VAL B 234 4.57 -9.56 -15.49
N ASN B 235 5.31 -9.52 -16.59
CA ASN B 235 6.26 -10.59 -16.90
C ASN B 235 7.17 -10.86 -15.71
N LEU B 236 7.67 -9.81 -15.07
CA LEU B 236 8.58 -9.97 -13.94
C LEU B 236 7.85 -10.52 -12.71
N LEU B 237 6.58 -10.17 -12.54
CA LEU B 237 5.85 -10.65 -11.38
C LEU B 237 5.40 -12.10 -11.53
N GLY B 238 5.26 -12.59 -12.76
CA GLY B 238 4.76 -13.94 -12.97
C GLY B 238 3.27 -14.03 -12.71
N THR B 239 2.88 -13.86 -11.46
CA THR B 239 1.49 -13.71 -11.06
C THR B 239 1.18 -12.23 -10.83
N GLY B 240 0.04 -11.76 -11.35
CA GLY B 240 -0.41 -10.43 -11.00
C GLY B 240 0.12 -9.32 -11.88
N SER B 241 -0.28 -8.10 -11.51
CA SER B 241 -0.06 -6.90 -12.30
C SER B 241 0.27 -5.74 -11.36
N ALA B 242 0.67 -4.61 -11.96
CA ALA B 242 0.99 -3.43 -11.16
C ALA B 242 -0.22 -2.96 -10.38
N TYR B 243 0.02 -2.55 -9.13
CA TYR B 243 -1.04 -1.96 -8.32
C TYR B 243 -0.61 -0.78 -7.44
N PHE B 244 0.69 -0.54 -7.22
CA PHE B 244 1.12 0.58 -6.40
C PHE B 244 0.94 1.93 -7.12
N ALA B 245 1.46 2.05 -8.33
CA ALA B 245 1.34 3.28 -9.12
C ALA B 245 -0.07 3.44 -9.66
N PRO B 246 -0.71 2.38 -10.15
CA PRO B 246 -2.11 2.52 -10.61
C PRO B 246 -3.02 3.08 -9.53
N ALA B 247 -2.80 2.67 -8.28
CA ALA B 247 -3.64 3.11 -7.19
C ALA B 247 -3.36 4.56 -6.80
N ALA B 248 -2.09 4.95 -6.76
CA ALA B 248 -1.76 6.34 -6.44
C ALA B 248 -2.30 7.28 -7.52
N SER B 249 -2.11 6.91 -8.79
CA SER B 249 -2.58 7.77 -9.88
C SER B 249 -4.05 8.08 -9.72
N ALA B 250 -4.87 7.06 -9.47
CA ALA B 250 -6.30 7.30 -9.36
C ALA B 250 -6.64 8.11 -8.13
N ILE B 251 -5.87 7.96 -7.05
CA ILE B 251 -6.14 8.74 -5.83
C ILE B 251 -5.63 10.17 -5.97
N ALA B 252 -4.64 10.40 -6.83
CA ALA B 252 -4.26 11.77 -7.17
C ALA B 252 -5.42 12.51 -7.81
N MET B 253 -6.11 11.84 -8.75
CA MET B 253 -7.26 12.42 -9.42
C MET B 253 -8.40 12.61 -8.43
N ALA B 254 -8.57 11.68 -7.50
CA ALA B 254 -9.60 11.81 -6.49
C ALA B 254 -9.29 12.94 -5.52
N GLU B 255 -8.02 13.08 -5.13
CA GLU B 255 -7.65 14.19 -4.24
C GLU B 255 -7.84 15.52 -4.95
N ALA B 256 -7.56 15.57 -6.25
CA ALA B 256 -7.74 16.81 -6.99
C ALA B 256 -9.20 17.25 -6.99
N TYR B 257 -10.12 16.29 -7.08
CA TYR B 257 -11.54 16.62 -7.05
C TYR B 257 -11.98 17.06 -5.66
N LEU B 258 -11.60 16.30 -4.65
CA LEU B 258 -12.18 16.51 -3.33
C LEU B 258 -11.66 17.78 -2.67
N LYS B 259 -10.46 18.24 -3.05
CA LYS B 259 -9.84 19.44 -2.48
C LYS B 259 -9.81 20.58 -3.48
N ASP B 260 -10.50 20.44 -4.61
CA ASP B 260 -10.56 21.49 -5.64
C ASP B 260 -9.17 22.06 -5.93
N GLN B 261 -8.22 21.15 -6.19
CA GLN B 261 -6.83 21.52 -6.41
C GLN B 261 -6.56 22.05 -7.81
N LYS B 262 -7.47 21.80 -8.76
CA LYS B 262 -7.32 22.30 -10.13
C LYS B 262 -5.97 21.87 -10.71
N ARG B 263 -5.67 20.58 -10.62
CA ARG B 263 -4.43 20.03 -11.14
C ARG B 263 -4.57 19.73 -12.63
N VAL B 264 -3.45 19.76 -13.33
CA VAL B 264 -3.43 19.47 -14.77
C VAL B 264 -2.93 18.05 -14.93
N LEU B 265 -3.81 17.15 -15.39
CA LEU B 265 -3.44 15.74 -15.48
C LEU B 265 -4.05 15.11 -16.73
N PRO B 266 -3.31 14.27 -17.45
CA PRO B 266 -3.90 13.56 -18.58
C PRO B 266 -4.87 12.51 -18.08
N CYS B 267 -6.14 12.66 -18.45
CA CYS B 267 -7.20 11.74 -18.05
C CYS B 267 -8.03 11.39 -19.27
N SER B 268 -8.77 10.29 -19.16
CA SER B 268 -9.69 9.87 -20.21
C SER B 268 -11.01 10.61 -19.99
N CYS B 269 -11.36 11.52 -20.89
CA CYS B 269 -12.53 12.37 -20.67
C CYS B 269 -13.35 12.56 -21.95
N TYR B 270 -14.58 13.01 -21.74
CA TYR B 270 -15.58 13.15 -22.79
C TYR B 270 -15.26 14.36 -23.66
N LEU B 271 -14.85 14.11 -24.89
CA LEU B 271 -14.59 15.16 -25.85
C LEU B 271 -15.84 15.49 -26.66
N GLU B 272 -15.93 16.75 -27.07
CA GLU B 272 -17.04 17.25 -27.86
C GLU B 272 -16.52 18.26 -28.87
N GLY B 273 -15.68 17.78 -29.79
CA GLY B 273 -15.11 18.66 -30.80
C GLY B 273 -13.62 18.83 -30.65
N GLN B 274 -13.14 18.96 -29.41
CA GLN B 274 -11.72 19.08 -29.16
C GLN B 274 -10.98 17.94 -29.87
N TYR B 275 -9.87 18.29 -30.52
CA TYR B 275 -9.03 17.33 -31.26
C TYR B 275 -9.80 16.64 -32.38
N GLY B 276 -10.87 17.27 -32.86
CA GLY B 276 -11.69 16.68 -33.90
C GLY B 276 -12.28 15.36 -33.47
N VAL B 277 -12.76 15.29 -32.23
CA VAL B 277 -13.43 14.10 -31.72
C VAL B 277 -14.70 14.55 -31.02
N LYS B 278 -15.81 13.94 -31.40
CA LYS B 278 -17.09 14.24 -30.77
C LYS B 278 -17.70 12.96 -30.21
N ASP B 279 -18.32 13.09 -29.03
CA ASP B 279 -19.04 12.00 -28.38
C ASP B 279 -18.15 10.79 -28.14
N LEU B 280 -17.05 11.03 -27.43
CA LEU B 280 -16.08 9.98 -27.20
C LEU B 280 -15.19 10.32 -26.01
N TYR B 281 -14.79 9.26 -25.30
CA TYR B 281 -13.83 9.34 -24.20
C TYR B 281 -12.45 8.93 -24.69
N VAL B 282 -11.44 9.73 -24.33
CA VAL B 282 -10.06 9.46 -24.72
C VAL B 282 -9.17 10.29 -23.81
N GLY B 283 -7.89 9.92 -23.72
CA GLY B 283 -6.98 10.59 -22.81
C GLY B 283 -6.52 11.91 -23.39
N VAL B 284 -6.63 12.96 -22.59
CA VAL B 284 -6.19 14.31 -22.96
C VAL B 284 -5.81 15.08 -21.69
N PRO B 285 -5.00 16.13 -21.81
CA PRO B 285 -4.70 16.98 -20.64
C PRO B 285 -5.94 17.75 -20.22
N VAL B 286 -6.26 17.70 -18.92
CA VAL B 286 -7.48 18.32 -18.40
C VAL B 286 -7.18 18.94 -17.03
N VAL B 287 -8.10 19.77 -16.56
CA VAL B 287 -8.04 20.39 -15.24
C VAL B 287 -9.11 19.74 -14.39
N ILE B 288 -8.70 19.13 -13.28
CA ILE B 288 -9.60 18.41 -12.38
C ILE B 288 -9.79 19.28 -11.15
N GLY B 289 -11.05 19.53 -10.80
CA GLY B 289 -11.38 20.43 -9.71
C GLY B 289 -12.63 20.00 -8.97
N GLY B 290 -13.06 20.80 -7.98
CA GLY B 290 -14.22 20.49 -7.15
C GLY B 290 -15.48 20.14 -7.93
N ASN B 291 -15.53 20.56 -9.19
CA ASN B 291 -16.66 20.26 -10.06
C ASN B 291 -16.32 19.19 -11.10
N GLY B 292 -15.28 18.40 -10.86
CA GLY B 292 -14.93 17.35 -11.77
C GLY B 292 -13.96 17.77 -12.86
N VAL B 293 -14.21 17.29 -14.07
CA VAL B 293 -13.40 17.66 -15.23
C VAL B 293 -13.87 19.04 -15.66
N GLU B 294 -13.06 20.06 -15.41
CA GLU B 294 -13.45 21.46 -15.57
C GLU B 294 -12.97 22.09 -16.87
N LYS B 295 -11.80 21.70 -17.38
CA LYS B 295 -11.34 22.23 -18.65
C LYS B 295 -10.52 21.18 -19.39
N VAL B 296 -10.74 21.09 -20.69
CA VAL B 296 -9.93 20.27 -21.57
C VAL B 296 -8.93 21.20 -22.25
N ILE B 297 -7.67 20.81 -22.26
CA ILE B 297 -6.61 21.57 -22.91
C ILE B 297 -6.40 20.99 -24.31
N GLU B 298 -6.52 21.85 -25.32
CA GLU B 298 -6.30 21.47 -26.71
C GLU B 298 -4.86 21.84 -27.07
N LEU B 299 -3.99 20.84 -27.05
CA LEU B 299 -2.58 21.07 -27.35
C LEU B 299 -2.37 21.33 -28.84
N GLU B 300 -1.40 22.18 -29.15
CA GLU B 300 -1.05 22.48 -30.53
C GLU B 300 -0.10 21.38 -31.02
N LEU B 301 -0.70 20.24 -31.32
CA LEU B 301 0.06 19.09 -31.76
C LEU B 301 0.53 19.21 -33.20
N THR B 302 1.73 18.72 -33.47
CA THR B 302 2.25 18.68 -34.84
C THR B 302 1.34 17.81 -35.70
N PRO B 303 1.46 17.85 -37.03
CA PRO B 303 0.65 16.91 -37.84
C PRO B 303 0.99 15.47 -37.53
N GLU B 304 2.28 15.13 -37.43
CA GLU B 304 2.67 13.78 -37.05
C GLU B 304 1.97 13.37 -35.76
N GLU B 305 2.05 14.21 -34.74
CA GLU B 305 1.44 13.91 -33.45
C GLU B 305 -0.06 13.70 -33.58
N LYS B 306 -0.75 14.54 -34.36
CA LYS B 306 -2.17 14.35 -34.58
C LYS B 306 -2.44 13.04 -35.29
N GLU B 307 -1.48 12.55 -36.08
CA GLU B 307 -1.66 11.28 -36.76
C GLU B 307 -1.64 10.12 -35.76
N MET B 308 -0.64 10.07 -34.89
CA MET B 308 -0.62 9.05 -33.84
C MET B 308 -1.87 9.13 -32.97
N PHE B 309 -2.34 10.35 -32.69
CA PHE B 309 -3.55 10.52 -31.92
C PHE B 309 -4.78 10.02 -32.67
N ASP B 310 -4.80 10.16 -33.99
CA ASP B 310 -5.96 9.73 -34.76
C ASP B 310 -6.00 8.22 -34.87
N LYS B 311 -4.84 7.58 -35.06
CA LYS B 311 -4.83 6.13 -35.10
C LYS B 311 -5.17 5.55 -33.73
N SER B 312 -4.84 6.26 -32.66
CA SER B 312 -5.17 5.78 -31.32
C SER B 312 -6.64 6.01 -31.01
N ILE B 313 -7.20 7.12 -31.50
CA ILE B 313 -8.60 7.42 -31.26
C ILE B 313 -9.52 6.49 -32.04
N GLU B 314 -9.04 5.90 -33.15
CA GLU B 314 -9.89 5.04 -33.97
C GLU B 314 -9.97 3.61 -33.45
N GLU B 315 -8.88 3.10 -32.86
CA GLU B 315 -8.95 1.80 -32.20
C GLU B 315 -10.00 1.83 -31.09
N VAL B 316 -10.07 2.94 -30.37
CA VAL B 316 -11.12 3.11 -29.36
C VAL B 316 -12.50 3.02 -30.01
N ARG B 317 -12.66 3.60 -31.20
CA ARG B 317 -13.95 3.52 -31.88
C ARG B 317 -14.31 2.09 -32.20
N GLU B 318 -13.43 1.40 -32.92
CA GLU B 318 -13.67 0.01 -33.28
C GLU B 318 -14.29 -0.78 -32.14
N LEU B 319 -13.74 -0.61 -30.94
CA LEU B 319 -14.17 -1.41 -29.81
C LEU B 319 -15.49 -0.91 -29.25
N VAL B 320 -15.69 0.42 -29.25
CA VAL B 320 -16.98 0.96 -28.83
C VAL B 320 -18.07 0.45 -29.75
N LYS B 321 -17.75 0.28 -31.04
CA LYS B 321 -18.75 -0.18 -31.98
C LYS B 321 -18.98 -1.68 -31.86
N ALA B 322 -17.89 -2.45 -31.75
CA ALA B 322 -18.03 -3.90 -31.55
C ALA B 322 -18.86 -4.19 -30.32
N LEU B 323 -18.65 -3.43 -29.24
CA LEU B 323 -19.43 -3.59 -28.03
C LEU B 323 -20.89 -3.22 -28.26
N GLU B 324 -21.15 -2.23 -29.11
CA GLU B 324 -22.52 -1.80 -29.36
C GLU B 324 -23.28 -2.80 -30.22
N ALA B 325 -22.57 -3.61 -31.00
CA ALA B 325 -23.23 -4.68 -31.75
C ALA B 325 -24.29 -5.38 -30.92
N LEU B 326 -23.87 -5.98 -29.80
CA LEU B 326 -24.76 -6.67 -28.88
C LEU B 326 -25.05 -5.78 -27.67
#